data_8GSY
#
_entry.id   8GSY
#
_cell.length_a   39.080
_cell.length_b   39.080
_cell.length_c   290.590
_cell.angle_alpha   90.00
_cell.angle_beta   90.00
_cell.angle_gamma   120.00
#
_symmetry.space_group_name_H-M   'P 32 2 1'
#
loop_
_entity.id
_entity.type
_entity.pdbx_description
1 polymer 'Peptidoglycan bound protein'
2 water water
#
_entity_poly.entity_id   1
_entity_poly.type   'polypeptide(L)'
_entity_poly.pdbx_seq_one_letter_code
;MNHKVHHHHHHMEETKSVQNDGAVEITSTTFESNTVAKGISNNLRIDYKILNKDKLKDGDKIVISLPDIFKDIEPKCHDQ
HFKDFDVKDGVVTLTFNENVEKAVTGYMIIRFVGNSNIRKGVSYPVSIDLNGKPSTVYITGEEY
;
_entity_poly.pdbx_strand_id   A,B
#
# COMPACT_ATOMS: atom_id res chain seq x y z
N GLN A 19 3.06 0.87 15.84
CA GLN A 19 2.44 1.01 14.51
C GLN A 19 1.54 2.25 14.56
N ASN A 20 2.05 3.36 14.05
CA ASN A 20 1.39 4.68 14.14
C ASN A 20 1.86 5.47 12.92
N ASP A 21 0.96 5.80 12.00
CA ASP A 21 1.38 6.58 10.81
C ASP A 21 0.81 8.00 10.88
N GLY A 22 0.22 8.40 12.00
CA GLY A 22 -0.34 9.75 12.15
C GLY A 22 -1.84 9.81 11.82
N ALA A 23 -2.31 8.96 10.91
CA ALA A 23 -3.75 8.78 10.64
C ALA A 23 -4.31 7.76 11.63
N VAL A 24 -3.58 6.67 11.86
CA VAL A 24 -4.06 5.48 12.60
C VAL A 24 -2.94 5.00 13.52
N GLU A 25 -3.33 4.54 14.71
CA GLU A 25 -2.45 3.79 15.64
C GLU A 25 -3.06 2.41 15.86
N ILE A 26 -2.27 1.33 15.78
CA ILE A 26 -2.72 0.03 16.34
C ILE A 26 -2.23 -0.02 17.79
N THR A 27 -3.15 -0.08 18.75
CA THR A 27 -2.82 -0.01 20.19
C THR A 27 -2.56 -1.40 20.78
N SER A 28 -3.22 -2.46 20.30
CA SER A 28 -3.09 -3.82 20.88
C SER A 28 -3.44 -4.85 19.81
N THR A 29 -2.75 -6.00 19.86
CA THR A 29 -3.03 -7.17 19.00
C THR A 29 -2.95 -8.40 19.90
N THR A 30 -4.09 -9.02 20.20
CA THR A 30 -4.15 -10.10 21.21
C THR A 30 -5.02 -11.25 20.72
N PHE A 31 -4.52 -12.49 20.82
CA PHE A 31 -5.38 -13.69 20.68
C PHE A 31 -6.06 -13.99 22.01
N GLU A 32 -7.28 -14.52 21.93
CA GLU A 32 -8.06 -14.97 23.11
C GLU A 32 -7.25 -16.05 23.83
N SER A 33 -6.59 -16.90 23.08
CA SER A 33 -5.74 -18.00 23.60
C SER A 33 -4.38 -17.97 22.91
N ASN A 34 -3.31 -18.32 23.63
CA ASN A 34 -1.95 -18.44 23.03
C ASN A 34 -1.85 -19.75 22.24
N THR A 35 -2.79 -20.69 22.40
CA THR A 35 -2.75 -21.95 21.62
C THR A 35 -3.89 -22.00 20.60
N VAL A 36 -3.67 -22.82 19.58
CA VAL A 36 -4.65 -23.07 18.50
C VAL A 36 -4.73 -24.58 18.26
N ALA A 37 -5.93 -25.08 18.02
CA ALA A 37 -6.18 -26.51 17.80
C ALA A 37 -7.25 -26.71 16.74
N LYS A 38 -7.20 -27.87 16.08
CA LYS A 38 -8.21 -28.30 15.08
C LYS A 38 -9.60 -28.21 15.72
N GLY A 39 -10.54 -27.53 15.05
CA GLY A 39 -11.95 -27.58 15.47
C GLY A 39 -12.24 -26.70 16.69
N ILE A 40 -11.26 -25.90 17.11
CA ILE A 40 -11.40 -25.00 18.29
C ILE A 40 -11.29 -23.55 17.83
N SER A 41 -12.16 -22.71 18.37
CA SER A 41 -12.22 -21.27 18.06
C SER A 41 -11.10 -20.53 18.78
N ASN A 42 -10.58 -19.53 18.11
CA ASN A 42 -9.71 -18.50 18.72
C ASN A 42 -10.10 -17.21 18.00
N ASN A 43 -9.90 -16.11 18.65
CA ASN A 43 -10.24 -14.78 18.09
C ASN A 43 -8.99 -13.94 18.23
N LEU A 44 -8.63 -13.23 17.16
CA LEU A 44 -7.64 -12.15 17.24
C LEU A 44 -8.36 -10.82 17.38
N ARG A 45 -8.01 -10.09 18.43
CA ARG A 45 -8.55 -8.72 18.64
C ARG A 45 -7.48 -7.69 18.31
N ILE A 46 -7.85 -6.74 17.47
CA ILE A 46 -6.98 -5.61 17.09
C ILE A 46 -7.64 -4.33 17.58
N ASP A 47 -7.01 -3.69 18.55
CA ASP A 47 -7.47 -2.36 19.03
C ASP A 47 -6.75 -1.27 18.25
N TYR A 48 -7.47 -0.24 17.85
CA TYR A 48 -6.91 0.84 17.02
C TYR A 48 -7.53 2.17 17.42
N LYS A 49 -6.85 3.24 17.01
CA LYS A 49 -7.43 4.59 17.01
C LYS A 49 -7.26 5.19 15.61
N ILE A 50 -8.35 5.74 15.10
CA ILE A 50 -8.22 6.70 13.98
C ILE A 50 -7.88 8.04 14.63
N LEU A 51 -6.61 8.44 14.53
CA LEU A 51 -6.06 9.64 15.23
C LEU A 51 -6.49 10.91 14.49
N ASN A 52 -6.48 10.86 13.15
CA ASN A 52 -6.67 12.08 12.31
C ASN A 52 -7.29 11.66 10.98
N LYS A 53 -8.60 11.85 10.86
CA LYS A 53 -9.40 11.45 9.67
C LYS A 53 -8.90 12.19 8.43
N ASP A 54 -8.30 13.38 8.62
CA ASP A 54 -7.87 14.22 7.47
C ASP A 54 -6.61 13.65 6.82
N LYS A 55 -5.88 12.77 7.51
CA LYS A 55 -4.63 12.14 7.00
C LYS A 55 -4.95 10.79 6.34
N LEU A 56 -6.16 10.28 6.51
CA LEU A 56 -6.58 8.99 5.87
C LEU A 56 -6.71 9.19 4.37
N LYS A 57 -6.37 8.14 3.62
CA LYS A 57 -6.54 8.12 2.16
C LYS A 57 -7.06 6.76 1.76
N ASP A 58 -7.84 6.78 0.69
CA ASP A 58 -8.41 5.58 0.05
C ASP A 58 -7.24 4.61 -0.20
N GLY A 59 -7.33 3.43 0.39
CA GLY A 59 -6.28 2.40 0.24
C GLY A 59 -5.53 2.18 1.53
N ASP A 60 -5.66 3.07 2.50
CA ASP A 60 -5.10 2.82 3.84
C ASP A 60 -5.74 1.56 4.41
N LYS A 61 -4.95 0.70 5.06
CA LYS A 61 -5.44 -0.65 5.39
C LYS A 61 -4.58 -1.29 6.47
N ILE A 62 -5.16 -2.29 7.13
CA ILE A 62 -4.45 -3.28 7.96
C ILE A 62 -4.48 -4.60 7.19
N VAL A 63 -3.32 -5.21 7.06
CA VAL A 63 -3.21 -6.53 6.38
C VAL A 63 -2.74 -7.57 7.42
N ILE A 64 -3.52 -8.63 7.57
CA ILE A 64 -3.18 -9.74 8.51
C ILE A 64 -2.87 -10.96 7.66
N SER A 65 -1.65 -11.49 7.78
CA SER A 65 -1.19 -12.65 7.00
C SER A 65 -1.08 -13.85 7.93
N LEU A 66 -1.76 -14.93 7.55
CA LEU A 66 -1.94 -16.10 8.44
C LEU A 66 -1.24 -17.28 7.80
N PRO A 67 -0.65 -18.16 8.63
CA PRO A 67 -0.26 -19.47 8.14
C PRO A 67 -1.50 -20.32 7.89
N ASP A 68 -1.28 -21.42 7.18
CA ASP A 68 -2.38 -22.27 6.68
C ASP A 68 -2.79 -23.23 7.79
N ILE A 69 -3.34 -22.69 8.87
CA ILE A 69 -3.76 -23.50 10.04
C ILE A 69 -5.22 -23.18 10.39
N PHE A 70 -5.96 -22.45 9.55
CA PHE A 70 -7.34 -22.05 9.88
C PHE A 70 -8.34 -22.51 8.83
N LYS A 71 -9.47 -23.00 9.33
CA LYS A 71 -10.75 -23.00 8.60
C LYS A 71 -11.56 -21.79 9.12
N ASP A 72 -12.43 -21.17 8.32
CA ASP A 72 -13.52 -20.28 8.83
C ASP A 72 -13.05 -18.90 9.32
N ILE A 73 -12.14 -18.26 8.61
CA ILE A 73 -11.59 -16.92 8.93
C ILE A 73 -12.68 -15.88 8.72
N GLU A 74 -13.08 -15.18 9.78
CA GLU A 74 -14.25 -14.29 9.65
C GLU A 74 -13.97 -12.97 10.36
N PRO A 75 -13.61 -11.90 9.63
CA PRO A 75 -13.46 -10.59 10.24
C PRO A 75 -14.82 -10.00 10.68
N LYS A 76 -14.80 -9.28 11.80
CA LYS A 76 -15.95 -8.55 12.37
C LYS A 76 -15.46 -7.15 12.69
N CYS A 77 -16.13 -6.12 12.18
CA CYS A 77 -15.61 -4.76 12.39
C CYS A 77 -16.74 -3.74 12.42
N HIS A 78 -16.36 -2.52 12.73
CA HIS A 78 -17.25 -1.33 12.67
C HIS A 78 -17.19 -0.81 11.25
N ASP A 79 -18.32 -0.88 10.54
CA ASP A 79 -18.34 -0.63 9.08
C ASP A 79 -18.25 0.87 8.77
N GLN A 80 -18.24 1.77 9.78
CA GLN A 80 -17.93 3.22 9.56
C GLN A 80 -16.42 3.43 9.68
N HIS A 81 -15.71 2.50 10.34
CA HIS A 81 -14.23 2.60 10.47
C HIS A 81 -13.55 1.87 9.30
N PHE A 82 -14.07 0.71 8.93
CA PHE A 82 -13.56 -0.10 7.78
C PHE A 82 -14.67 -0.23 6.74
N LYS A 83 -14.45 0.37 5.58
CA LYS A 83 -15.45 0.34 4.48
C LYS A 83 -15.48 -1.02 3.81
N ASP A 84 -14.43 -1.84 3.99
CA ASP A 84 -14.40 -3.17 3.35
C ASP A 84 -13.49 -4.09 4.15
N PHE A 85 -13.72 -5.38 4.03
CA PHE A 85 -12.76 -6.40 4.47
C PHE A 85 -12.83 -7.54 3.47
N ASP A 86 -11.70 -8.23 3.35
CA ASP A 86 -11.54 -9.26 2.30
C ASP A 86 -10.66 -10.35 2.91
N VAL A 87 -11.01 -11.61 2.68
CA VAL A 87 -10.13 -12.75 3.03
C VAL A 87 -9.76 -13.47 1.74
N LYS A 88 -8.47 -13.65 1.47
CA LYS A 88 -7.99 -14.36 0.27
C LYS A 88 -6.69 -15.11 0.60
N ASP A 89 -6.71 -16.44 0.46
CA ASP A 89 -5.51 -17.32 0.61
C ASP A 89 -4.76 -16.97 1.90
N GLY A 90 -5.51 -16.83 2.99
CA GLY A 90 -4.95 -16.60 4.35
C GLY A 90 -4.53 -15.15 4.61
N VAL A 91 -4.84 -14.22 3.70
CA VAL A 91 -4.53 -12.78 3.90
C VAL A 91 -5.84 -12.03 4.11
N VAL A 92 -5.95 -11.38 5.24
CA VAL A 92 -7.14 -10.57 5.61
C VAL A 92 -6.76 -9.10 5.40
N THR A 93 -7.52 -8.40 4.59
CA THR A 93 -7.30 -6.97 4.34
C THR A 93 -8.50 -6.22 4.89
N LEU A 94 -8.23 -5.27 5.76
CA LEU A 94 -9.24 -4.36 6.37
C LEU A 94 -8.97 -2.99 5.79
N THR A 95 -9.90 -2.47 5.00
CA THR A 95 -9.69 -1.19 4.30
C THR A 95 -10.41 -0.07 5.06
N PHE A 96 -9.65 0.91 5.53
CA PHE A 96 -10.23 2.05 6.27
C PHE A 96 -11.21 2.81 5.38
N ASN A 97 -12.23 3.31 6.05
CA ASN A 97 -13.21 4.28 5.51
C ASN A 97 -12.58 5.67 5.57
N GLU A 98 -12.14 6.20 4.44
CA GLU A 98 -11.53 7.55 4.36
C GLU A 98 -12.61 8.61 4.67
N ASN A 99 -13.90 8.26 4.63
CA ASN A 99 -15.02 9.20 4.94
C ASN A 99 -15.45 9.10 6.40
N VAL A 100 -14.70 8.40 7.25
CA VAL A 100 -15.07 8.29 8.68
C VAL A 100 -15.29 9.71 9.20
N GLU A 101 -16.34 9.89 9.99
CA GLU A 101 -16.86 11.22 10.38
C GLU A 101 -15.84 11.94 11.28
N LYS A 102 -15.13 11.20 12.13
CA LYS A 102 -14.22 11.84 13.12
C LYS A 102 -13.25 10.83 13.71
N ALA A 103 -12.21 11.36 14.38
CA ALA A 103 -11.24 10.58 15.17
C ALA A 103 -12.02 9.70 16.16
N VAL A 104 -11.58 8.45 16.32
CA VAL A 104 -12.39 7.46 17.06
C VAL A 104 -11.48 6.33 17.54
N THR A 105 -11.86 5.73 18.66
CA THR A 105 -11.20 4.51 19.18
C THR A 105 -12.12 3.32 18.91
N GLY A 106 -11.56 2.20 18.45
CA GLY A 106 -12.38 1.00 18.21
C GLY A 106 -11.55 -0.26 18.29
N TYR A 107 -12.22 -1.36 18.00
CA TYR A 107 -11.54 -2.66 17.86
C TYR A 107 -12.25 -3.45 16.78
N MET A 108 -11.50 -4.40 16.26
CA MET A 108 -12.11 -5.42 15.40
C MET A 108 -11.62 -6.80 15.80
N ILE A 109 -12.29 -7.82 15.28
CA ILE A 109 -12.02 -9.24 15.62
C ILE A 109 -11.83 -10.01 14.33
N ILE A 110 -10.84 -10.87 14.30
CA ILE A 110 -10.85 -11.96 13.31
C ILE A 110 -11.18 -13.25 14.06
N ARG A 111 -12.32 -13.85 13.74
CA ARG A 111 -12.77 -15.15 14.27
C ARG A 111 -12.04 -16.24 13.48
N PHE A 112 -11.46 -17.21 14.17
CA PHE A 112 -10.72 -18.32 13.55
C PHE A 112 -11.17 -19.64 14.13
N VAL A 113 -11.14 -20.68 13.32
CA VAL A 113 -11.21 -22.09 13.80
C VAL A 113 -9.99 -22.81 13.26
N GLY A 114 -9.28 -23.54 14.11
CA GLY A 114 -8.09 -24.27 13.66
C GLY A 114 -8.47 -25.40 12.73
N ASN A 115 -7.53 -25.76 11.87
CA ASN A 115 -7.68 -26.92 10.94
C ASN A 115 -6.71 -28.03 11.35
N SER A 116 -6.77 -29.16 10.64
CA SER A 116 -6.00 -30.37 10.98
C SER A 116 -4.50 -30.24 10.62
N ASN A 117 -4.05 -29.13 10.04
CA ASN A 117 -2.62 -28.89 9.73
C ASN A 117 -1.84 -28.53 11.01
N ILE A 118 -2.54 -28.20 12.09
CA ILE A 118 -1.88 -27.74 13.34
C ILE A 118 -1.09 -28.89 13.96
N ARG A 119 0.14 -28.59 14.36
CA ARG A 119 1.03 -29.57 15.03
C ARG A 119 1.37 -29.08 16.43
N LYS A 120 1.38 -29.99 17.41
CA LYS A 120 1.57 -29.56 18.81
C LYS A 120 2.95 -28.93 18.97
N GLY A 121 2.98 -27.78 19.63
CA GLY A 121 4.22 -27.09 20.04
C GLY A 121 4.76 -26.17 18.95
N VAL A 122 4.24 -26.23 17.74
CA VAL A 122 4.78 -25.41 16.62
C VAL A 122 4.37 -23.96 16.83
N SER A 123 5.32 -23.04 16.73
CA SER A 123 5.06 -21.58 16.81
C SER A 123 4.70 -21.03 15.42
N TYR A 124 3.50 -20.47 15.33
CA TYR A 124 2.92 -19.97 14.05
C TYR A 124 2.96 -18.45 14.11
N PRO A 125 3.69 -17.80 13.18
CA PRO A 125 3.66 -16.34 13.09
C PRO A 125 2.37 -15.86 12.44
N VAL A 126 1.86 -14.75 12.99
CA VAL A 126 0.73 -13.98 12.40
C VAL A 126 1.23 -12.57 12.22
N SER A 127 1.27 -12.06 10.99
CA SER A 127 1.81 -10.70 10.76
C SER A 127 0.63 -9.73 10.64
N ILE A 128 0.75 -8.60 11.31
CA ILE A 128 -0.28 -7.53 11.30
C ILE A 128 0.44 -6.29 10.82
N ASP A 129 0.06 -5.77 9.65
CA ASP A 129 0.80 -4.69 8.96
C ASP A 129 -0.17 -3.53 8.76
N LEU A 130 0.18 -2.38 9.32
CA LEU A 130 -0.55 -1.12 9.11
C LEU A 130 0.16 -0.41 7.98
N ASN A 131 -0.41 -0.45 6.77
CA ASN A 131 0.26 0.17 5.60
C ASN A 131 1.76 -0.16 5.63
N GLY A 132 2.14 -1.44 5.64
CA GLY A 132 3.58 -1.80 5.54
C GLY A 132 4.42 -1.35 6.73
N LYS A 133 3.81 -0.92 7.84
CA LYS A 133 4.46 -0.94 9.19
C LYS A 133 4.15 -2.27 9.87
N PRO A 134 5.14 -3.19 9.98
CA PRO A 134 4.81 -4.56 10.33
C PRO A 134 4.89 -4.83 11.83
N SER A 135 4.18 -5.86 12.27
CA SER A 135 4.36 -6.52 13.59
C SER A 135 4.04 -8.01 13.41
N THR A 136 4.57 -8.84 14.32
CA THR A 136 4.30 -10.29 14.33
C THR A 136 3.90 -10.70 15.76
N VAL A 137 2.85 -11.50 15.86
CA VAL A 137 2.50 -12.23 17.10
C VAL A 137 2.55 -13.72 16.81
N TYR A 138 2.73 -14.53 17.86
CA TYR A 138 2.89 -16.00 17.73
C TYR A 138 1.82 -16.72 18.54
N ILE A 139 1.24 -17.75 17.92
CA ILE A 139 0.34 -18.71 18.61
C ILE A 139 0.94 -20.08 18.41
N THR A 140 0.74 -20.97 19.36
CA THR A 140 1.42 -22.28 19.32
C THR A 140 0.36 -23.35 19.14
N GLY A 141 0.73 -24.39 18.40
CA GLY A 141 -0.19 -25.48 18.11
C GLY A 141 -0.43 -26.35 19.33
N GLU A 142 -1.61 -26.92 19.36
CA GLU A 142 -2.05 -27.92 20.35
C GLU A 142 -2.73 -29.03 19.59
N GLU A 143 -2.57 -30.26 20.07
CA GLU A 143 -3.31 -31.43 19.56
C GLU A 143 -3.93 -32.11 20.76
N TYR A 144 -5.23 -32.40 20.66
CA TYR A 144 -6.01 -33.03 21.74
C TYR A 144 -6.45 -34.43 21.32
N GLN B 19 -7.01 13.99 -10.48
CA GLN B 19 -6.07 13.14 -9.65
C GLN B 19 -5.51 13.98 -8.50
N ASN B 20 -6.30 14.04 -7.42
CA ASN B 20 -6.16 14.93 -6.23
C ASN B 20 -6.58 14.05 -5.04
N ASP B 21 -5.67 13.79 -4.11
CA ASP B 21 -5.96 12.90 -2.96
C ASP B 21 -6.28 13.76 -1.74
N GLY B 22 -6.41 15.08 -1.91
CA GLY B 22 -6.81 16.03 -0.85
C GLY B 22 -5.63 16.70 -0.17
N ALA B 23 -4.44 16.08 -0.22
CA ALA B 23 -3.17 16.62 0.34
C ALA B 23 -2.26 17.04 -0.80
N VAL B 24 -2.33 16.30 -1.90
CA VAL B 24 -1.49 16.48 -3.12
C VAL B 24 -2.39 16.41 -4.34
N GLU B 25 -2.00 17.18 -5.35
CA GLU B 25 -2.62 17.20 -6.68
C GLU B 25 -1.52 17.06 -7.72
N ILE B 26 -1.69 16.10 -8.63
CA ILE B 26 -0.85 15.89 -9.84
C ILE B 26 -1.45 16.77 -10.93
N THR B 27 -0.69 17.78 -11.36
CA THR B 27 -1.18 18.82 -12.31
C THR B 27 -0.91 18.34 -13.73
N SER B 28 0.13 17.55 -13.94
CA SER B 28 0.56 17.12 -15.30
C SER B 28 1.41 15.86 -15.22
N THR B 29 1.23 14.97 -16.20
CA THR B 29 2.07 13.77 -16.47
C THR B 29 2.35 13.77 -17.97
N THR B 30 3.62 13.79 -18.37
CA THR B 30 4.02 13.88 -19.80
C THR B 30 5.32 13.13 -20.02
N PHE B 31 5.43 12.43 -21.16
CA PHE B 31 6.68 11.87 -21.70
C PHE B 31 7.36 12.90 -22.61
N GLU B 32 8.68 12.90 -22.61
CA GLU B 32 9.49 13.76 -23.50
C GLU B 32 9.17 13.38 -24.95
N SER B 33 8.91 12.10 -25.20
CA SER B 33 8.51 11.59 -26.54
C SER B 33 7.40 10.54 -26.38
N ASN B 34 6.43 10.54 -27.29
CA ASN B 34 5.30 9.57 -27.28
C ASN B 34 5.73 8.23 -27.86
N THR B 35 6.95 8.12 -28.42
CA THR B 35 7.49 6.80 -28.86
C THR B 35 8.68 6.41 -27.99
N VAL B 36 8.86 5.10 -27.85
CA VAL B 36 9.95 4.48 -27.05
C VAL B 36 10.61 3.42 -27.94
N ALA B 37 11.93 3.30 -27.86
CA ALA B 37 12.73 2.40 -28.70
C ALA B 37 13.92 1.84 -27.90
N LYS B 38 14.31 0.61 -28.26
CA LYS B 38 15.47 -0.10 -27.68
C LYS B 38 16.68 0.85 -27.75
N GLY B 39 17.34 1.07 -26.59
CA GLY B 39 18.62 1.79 -26.48
C GLY B 39 18.45 3.30 -26.61
N ILE B 40 17.21 3.79 -26.59
CA ILE B 40 16.91 5.24 -26.70
C ILE B 40 16.32 5.73 -25.39
N SER B 41 16.83 6.87 -24.92
CA SER B 41 16.39 7.50 -23.65
C SER B 41 15.04 8.17 -23.86
N ASN B 42 14.23 8.15 -22.83
CA ASN B 42 12.98 8.95 -22.75
C ASN B 42 12.81 9.28 -21.27
N ASN B 43 11.85 10.13 -20.94
CA ASN B 43 11.55 10.31 -19.50
C ASN B 43 10.08 10.68 -19.34
N LEU B 44 9.59 10.38 -18.15
CA LEU B 44 8.23 10.72 -17.68
C LEU B 44 8.36 11.86 -16.67
N ARG B 45 7.70 12.99 -16.95
CA ARG B 45 7.66 14.13 -16.00
C ARG B 45 6.28 14.13 -15.34
N ILE B 46 6.27 14.25 -14.00
CA ILE B 46 5.03 14.43 -13.22
C ILE B 46 5.14 15.72 -12.41
N ASP B 47 4.25 16.67 -12.69
CA ASP B 47 4.12 17.96 -11.95
C ASP B 47 3.07 17.79 -10.85
N TYR B 48 3.31 18.35 -9.66
CA TYR B 48 2.42 18.22 -8.49
C TYR B 48 2.43 19.48 -7.61
N LYS B 49 1.35 19.69 -6.87
CA LYS B 49 1.32 20.63 -5.73
C LYS B 49 1.08 19.79 -4.47
N ILE B 50 1.83 20.08 -3.40
CA ILE B 50 1.44 19.71 -2.01
C ILE B 50 0.54 20.84 -1.51
N LEU B 51 -0.77 20.59 -1.58
CA LEU B 51 -1.88 21.55 -1.30
C LEU B 51 -2.00 21.74 0.20
N ASN B 52 -2.13 20.64 0.92
CA ASN B 52 -2.32 20.70 2.39
C ASN B 52 -1.33 19.73 3.03
N LYS B 53 -0.15 20.24 3.39
CA LYS B 53 0.92 19.49 4.09
C LYS B 53 0.38 18.84 5.37
N ASP B 54 -0.64 19.43 6.02
CA ASP B 54 -1.22 18.91 7.28
C ASP B 54 -2.03 17.63 7.03
N LYS B 55 -2.36 17.34 5.77
CA LYS B 55 -3.11 16.13 5.37
C LYS B 55 -2.14 15.04 4.92
N LEU B 56 -0.85 15.32 4.84
CA LEU B 56 0.15 14.26 4.47
C LEU B 56 0.45 13.41 5.70
N LYS B 57 0.75 12.14 5.47
CA LYS B 57 1.23 11.26 6.54
C LYS B 57 2.32 10.34 6.00
N ASP B 58 3.13 9.83 6.92
CA ASP B 58 4.13 8.78 6.66
C ASP B 58 3.46 7.65 5.88
N GLY B 59 3.95 7.39 4.67
CA GLY B 59 3.49 6.30 3.81
C GLY B 59 2.76 6.79 2.59
N ASP B 60 2.29 8.04 2.60
CA ASP B 60 1.65 8.63 1.40
C ASP B 60 2.69 8.58 0.27
N LYS B 61 2.26 8.20 -0.92
CA LYS B 61 3.19 7.87 -2.01
C LYS B 61 2.54 8.00 -3.38
N ILE B 62 3.40 8.17 -4.38
CA ILE B 62 3.07 7.93 -5.81
C ILE B 62 3.72 6.61 -6.19
N VAL B 63 2.94 5.73 -6.79
CA VAL B 63 3.41 4.42 -7.33
C VAL B 63 3.19 4.44 -8.84
N ILE B 64 4.27 4.26 -9.60
CA ILE B 64 4.33 4.25 -11.08
C ILE B 64 4.73 2.83 -11.51
N SER B 65 3.79 2.13 -12.13
CA SER B 65 3.98 0.75 -12.65
C SER B 65 4.34 0.85 -14.12
N LEU B 66 5.58 0.50 -14.45
CA LEU B 66 6.13 0.59 -15.81
C LEU B 66 5.95 -0.74 -16.53
N PRO B 67 5.77 -0.70 -17.86
CA PRO B 67 5.69 -1.90 -18.69
C PRO B 67 7.09 -2.52 -18.76
N ASP B 68 7.20 -3.75 -19.27
CA ASP B 68 8.46 -4.54 -19.30
C ASP B 68 9.39 -4.11 -20.44
N ILE B 69 9.22 -2.90 -20.98
CA ILE B 69 10.03 -2.42 -22.13
C ILE B 69 11.00 -1.34 -21.64
N PHE B 70 10.99 -0.98 -20.36
CA PHE B 70 11.88 0.07 -19.80
C PHE B 70 13.02 -0.58 -19.00
N LYS B 71 14.25 -0.08 -19.19
CA LYS B 71 15.45 -0.42 -18.38
C LYS B 71 16.15 0.87 -17.93
N ASP B 72 17.19 0.74 -17.10
CA ASP B 72 17.98 1.87 -16.53
C ASP B 72 17.03 2.95 -16.00
N ILE B 73 16.04 2.53 -15.21
CA ILE B 73 14.99 3.39 -14.58
C ILE B 73 15.65 4.20 -13.47
N GLU B 74 15.55 5.53 -13.55
CA GLU B 74 16.30 6.48 -12.70
C GLU B 74 15.34 7.60 -12.31
N PRO B 75 14.68 7.51 -11.13
CA PRO B 75 13.86 8.62 -10.63
C PRO B 75 14.73 9.81 -10.20
N LYS B 76 14.23 11.02 -10.43
CA LYS B 76 14.84 12.28 -9.94
C LYS B 76 13.76 13.14 -9.31
N CYS B 77 14.04 13.71 -8.15
CA CYS B 77 13.02 14.49 -7.40
C CYS B 77 13.65 15.49 -6.43
N HIS B 78 12.79 16.33 -5.85
CA HIS B 78 13.09 17.29 -4.76
C HIS B 78 12.98 16.52 -3.43
N ASP B 79 14.11 16.40 -2.72
CA ASP B 79 14.27 15.63 -1.46
C ASP B 79 13.41 16.25 -0.33
N GLN B 80 13.07 17.54 -0.37
CA GLN B 80 12.18 18.16 0.65
C GLN B 80 10.73 17.70 0.43
N HIS B 81 10.39 17.32 -0.80
CA HIS B 81 9.01 16.91 -1.20
C HIS B 81 8.87 15.40 -1.04
N PHE B 82 9.86 14.65 -1.47
CA PHE B 82 9.90 13.16 -1.37
C PHE B 82 11.09 12.73 -0.52
N LYS B 83 10.82 12.04 0.57
CA LYS B 83 11.88 11.62 1.51
C LYS B 83 12.55 10.34 1.01
N ASP B 84 11.93 9.62 0.06
CA ASP B 84 12.48 8.33 -0.46
C ASP B 84 11.93 8.03 -1.85
N PHE B 85 12.69 7.28 -2.64
CA PHE B 85 12.22 6.65 -3.90
C PHE B 85 12.92 5.31 -4.04
N ASP B 86 12.29 4.41 -4.75
CA ASP B 86 12.70 2.99 -4.81
C ASP B 86 12.20 2.41 -6.13
N VAL B 87 13.04 1.61 -6.78
CA VAL B 87 12.65 0.92 -8.04
C VAL B 87 12.73 -0.57 -7.75
N LYS B 88 11.65 -1.28 -8.00
CA LYS B 88 11.56 -2.73 -7.71
C LYS B 88 10.74 -3.39 -8.82
N ASP B 89 11.40 -4.21 -9.64
CA ASP B 89 10.73 -5.00 -10.72
C ASP B 89 9.82 -4.06 -11.52
N GLY B 90 10.32 -2.90 -11.96
CA GLY B 90 9.59 -2.01 -12.89
C GLY B 90 8.53 -1.15 -12.19
N VAL B 91 8.46 -1.20 -10.86
CA VAL B 91 7.56 -0.35 -10.05
C VAL B 91 8.39 0.69 -9.30
N VAL B 92 8.08 1.97 -9.52
CA VAL B 92 8.76 3.09 -8.84
C VAL B 92 7.82 3.61 -7.77
N THR B 93 8.31 3.69 -6.53
CA THR B 93 7.57 4.24 -5.38
C THR B 93 8.29 5.50 -4.91
N LEU B 94 7.60 6.63 -4.90
CA LEU B 94 8.10 7.92 -4.37
C LEU B 94 7.26 8.26 -3.15
N THR B 95 7.91 8.30 -1.99
CA THR B 95 7.27 8.46 -0.67
C THR B 95 7.33 9.94 -0.29
N PHE B 96 6.20 10.59 -0.02
CA PHE B 96 6.16 12.02 0.35
C PHE B 96 6.88 12.25 1.69
N ASN B 97 7.52 13.42 1.82
CA ASN B 97 8.09 13.91 3.11
C ASN B 97 6.95 14.56 3.90
N GLU B 98 6.37 13.81 4.85
CA GLU B 98 5.26 14.31 5.69
C GLU B 98 5.77 15.48 6.55
N ASN B 99 7.08 15.67 6.66
CA ASN B 99 7.67 16.73 7.53
C ASN B 99 7.96 17.99 6.72
N VAL B 100 7.54 18.04 5.45
CA VAL B 100 7.69 19.24 4.59
C VAL B 100 7.13 20.45 5.35
N GLU B 101 7.79 21.61 5.24
CA GLU B 101 7.61 22.77 6.16
C GLU B 101 6.37 23.58 5.79
N LYS B 102 5.92 23.53 4.53
CA LYS B 102 4.78 24.36 4.03
C LYS B 102 4.31 23.81 2.68
N ALA B 103 3.22 24.35 2.14
CA ALA B 103 2.75 24.02 0.77
C ALA B 103 3.89 24.35 -0.17
N VAL B 104 4.11 23.48 -1.16
CA VAL B 104 5.16 23.65 -2.19
C VAL B 104 4.59 23.25 -3.54
N THR B 105 5.31 23.57 -4.60
CA THR B 105 5.06 23.02 -5.95
C THR B 105 6.35 22.46 -6.53
N GLY B 106 6.24 21.40 -7.31
CA GLY B 106 7.42 20.81 -7.98
C GLY B 106 7.08 19.87 -9.12
N TYR B 107 8.12 19.22 -9.63
CA TYR B 107 8.01 18.11 -10.62
C TYR B 107 9.03 17.03 -10.24
N MET B 108 8.70 15.80 -10.63
CA MET B 108 9.62 14.65 -10.53
C MET B 108 9.85 14.10 -11.94
N ILE B 109 10.91 13.34 -12.12
CA ILE B 109 11.28 12.73 -13.42
C ILE B 109 11.55 11.25 -13.20
N ILE B 110 11.04 10.40 -14.09
CA ILE B 110 11.52 8.99 -14.25
C ILE B 110 12.27 8.93 -15.58
N ARG B 111 13.61 8.88 -15.48
CA ARG B 111 14.48 8.68 -16.64
C ARG B 111 14.48 7.18 -16.96
N PHE B 112 14.42 6.81 -18.24
CA PHE B 112 14.54 5.38 -18.61
C PHE B 112 15.10 5.24 -20.02
N VAL B 113 15.45 4.01 -20.36
CA VAL B 113 15.95 3.62 -21.71
C VAL B 113 15.08 2.45 -22.16
N GLY B 114 14.66 2.44 -23.42
CA GLY B 114 13.89 1.31 -23.98
C GLY B 114 14.74 0.06 -24.07
N ASN B 115 14.12 -1.12 -24.04
CA ASN B 115 14.86 -2.40 -24.18
C ASN B 115 14.30 -3.18 -25.39
N SER B 116 14.85 -4.37 -25.65
CA SER B 116 14.62 -5.17 -26.88
C SER B 116 13.24 -5.85 -26.87
N ASN B 117 12.47 -5.73 -25.78
CA ASN B 117 11.07 -6.22 -25.71
C ASN B 117 10.13 -5.32 -26.52
N ILE B 118 10.57 -4.13 -26.90
CA ILE B 118 9.69 -3.16 -27.60
C ILE B 118 9.36 -3.70 -28.99
N ARG B 119 8.07 -3.68 -29.35
CA ARG B 119 7.58 -3.98 -30.71
C ARG B 119 6.91 -2.72 -31.27
N LYS B 120 7.15 -2.45 -32.56
CA LYS B 120 6.68 -1.22 -33.24
C LYS B 120 5.16 -1.17 -33.19
N GLY B 121 4.62 -0.01 -32.79
CA GLY B 121 3.18 0.27 -32.84
C GLY B 121 2.45 -0.19 -31.60
N VAL B 122 3.06 -0.99 -30.73
CA VAL B 122 2.36 -1.48 -29.50
C VAL B 122 2.15 -0.30 -28.55
N SER B 123 0.95 -0.17 -28.01
CA SER B 123 0.63 0.84 -26.96
C SER B 123 0.90 0.23 -25.59
N TYR B 124 1.87 0.78 -24.88
CA TYR B 124 2.28 0.33 -23.54
C TYR B 124 1.69 1.26 -22.48
N PRO B 125 0.90 0.72 -21.53
CA PRO B 125 0.40 1.53 -20.42
C PRO B 125 1.45 1.75 -19.34
N VAL B 126 1.37 2.93 -18.69
CA VAL B 126 2.11 3.34 -17.47
C VAL B 126 1.07 3.80 -16.46
N SER B 127 0.97 3.11 -15.33
CA SER B 127 0.01 3.40 -14.23
C SER B 127 0.66 4.36 -13.23
N ILE B 128 -0.04 5.43 -12.90
CA ILE B 128 0.39 6.45 -11.90
C ILE B 128 -0.70 6.52 -10.84
N ASP B 129 -0.42 5.96 -9.66
CA ASP B 129 -1.34 5.86 -8.52
C ASP B 129 -0.91 6.89 -7.46
N LEU B 130 -1.72 7.93 -7.25
CA LEU B 130 -1.52 8.90 -6.15
C LEU B 130 -2.41 8.44 -5.00
N ASN B 131 -1.85 7.67 -4.06
CA ASN B 131 -2.61 7.12 -2.91
C ASN B 131 -4.05 6.80 -3.30
N GLY B 132 -4.24 5.82 -4.18
CA GLY B 132 -5.55 5.23 -4.50
C GLY B 132 -6.29 5.97 -5.62
N LYS B 133 -5.80 7.13 -6.05
CA LYS B 133 -6.35 7.88 -7.20
C LYS B 133 -5.52 7.54 -8.44
N PRO B 134 -5.98 6.60 -9.31
CA PRO B 134 -5.14 6.03 -10.34
C PRO B 134 -5.26 6.88 -11.61
N SER B 135 -4.23 6.81 -12.45
CA SER B 135 -4.30 7.26 -13.86
C SER B 135 -3.43 6.32 -14.67
N THR B 136 -3.73 6.22 -15.97
CA THR B 136 -2.93 5.45 -16.93
C THR B 136 -2.59 6.36 -18.11
N VAL B 137 -1.32 6.37 -18.53
CA VAL B 137 -0.88 7.06 -19.78
C VAL B 137 -0.21 6.01 -20.66
N TYR B 138 -0.13 6.27 -21.96
CA TYR B 138 0.37 5.30 -22.95
C TYR B 138 1.56 5.89 -23.71
N ILE B 139 2.53 5.03 -24.02
CA ILE B 139 3.68 5.31 -24.89
C ILE B 139 3.68 4.23 -25.97
N THR B 140 4.13 4.53 -27.19
CA THR B 140 3.99 3.67 -28.38
C THR B 140 5.37 3.14 -28.78
N GLY B 141 5.48 1.84 -29.06
CA GLY B 141 6.76 1.23 -29.44
C GLY B 141 7.19 1.66 -30.82
N GLU B 142 8.49 1.76 -31.02
CA GLU B 142 9.12 2.05 -32.32
C GLU B 142 10.28 1.09 -32.46
N GLU B 143 10.56 0.61 -33.66
CA GLU B 143 11.78 -0.18 -33.96
C GLU B 143 12.48 0.46 -35.13
N TYR B 144 13.78 0.70 -34.97
CA TYR B 144 14.66 1.36 -35.96
C TYR B 144 15.62 0.32 -36.53
#